data_7AWA
#
_entry.id   7AWA
#
_cell.length_a   1.00
_cell.length_b   1.00
_cell.length_c   1.00
_cell.angle_alpha   90.00
_cell.angle_beta   90.00
_cell.angle_gamma   90.00
#
_symmetry.space_group_name_H-M   'P 1'
#
_entity_poly.entity_id   1
_entity_poly.type   'polypeptide(L)'
_entity_poly.pdbx_seq_one_letter_code
;MRSWLGEGVRAQQWLSVCAGRQDMVLATVLLIAIVMMLLPLPTWMVDILITINLMFSVILLLIAIYLSDPLDLSVFPSLL
LITTLYRLSLTISTSRLVLLQHNAGNIVDAFGKFVVGGNLTVGLVVFTIITIVQFIVITKGIERVAEVSARFSLDGMPGK
QMSIDGDLRAGVIDADHARTLRQHVQQESRFLGAMDGAMKFVKGDTIAGIIVVLVNIIGGIIIAIVQYDMSMSEAVHTYS
VLSIGDGLCGQIPSLLISLSAGIIVTRVPGEKRQNLATELSSQIARQPQSLILTAVVLMLLALIPGFPFITLAFFSALLA
LPIILIRRKKSVVSANGVEAPEKDSMVPGACPLILRLSPTLHSADLIRDIDAMRWFLFEDTGVPLPEVNIEVLPEPTEKL
TVLLYQEPVFSLSIPAQADYLLIGADASVVGDSQTLPNGMGQICWLTKDMAHKAQGFGLDVFAGSQRISALLKCVLLRHM
GEFIGVQETRYLMNAMEKNYSELVKELQRQLPINKIAETLQRLVSERVSIRDLRLIFGTLIDWAPREKDVLMLTEYVRIA
LRRHILRRLNPEGKPLPILRIGEGIENLVRESIRQTAMGTYTALSSRHKTQILQLIEQALKQSAKLFIVTSVDTRRFLRK
ITEATLFDVPILSWQELGEESLIQVVESIDLSEEELADNEEHHHHHH
;
_entity_poly.pdbx_strand_id   A
#
# COMPACT_ATOMS: atom_id res chain seq x y z
N SER A 345 15.86 -31.97 -9.23
CA SER A 345 16.56 -30.71 -9.56
C SER A 345 15.89 -30.04 -10.76
N MET A 346 16.15 -28.76 -11.01
CA MET A 346 15.56 -27.99 -12.14
C MET A 346 14.04 -28.03 -12.03
N VAL A 347 13.51 -28.00 -10.81
CA VAL A 347 12.03 -28.05 -10.56
C VAL A 347 11.41 -26.75 -11.09
N PRO A 348 10.22 -26.73 -11.74
CA PRO A 348 9.58 -25.47 -12.13
C PRO A 348 9.03 -24.76 -10.89
N GLY A 349 8.88 -23.41 -10.89
CA GLY A 349 8.37 -22.64 -9.78
C GLY A 349 9.46 -21.82 -9.12
N ALA A 350 9.52 -20.52 -9.43
CA ALA A 350 10.55 -19.67 -8.89
C ALA A 350 10.46 -19.62 -7.36
N CYS A 351 11.51 -19.07 -6.75
CA CYS A 351 11.55 -18.88 -5.30
C CYS A 351 10.88 -17.56 -4.93
N PRO A 352 9.93 -17.55 -4.00
CA PRO A 352 9.11 -16.34 -3.80
C PRO A 352 9.91 -15.11 -3.38
N LEU A 353 10.65 -15.21 -2.28
CA LEU A 353 11.35 -14.06 -1.72
C LEU A 353 12.69 -14.52 -1.15
N ILE A 354 13.75 -13.79 -1.48
CA ILE A 354 15.10 -14.19 -1.11
C ILE A 354 15.95 -12.94 -0.93
N LEU A 355 16.86 -12.97 0.03
CA LEU A 355 17.64 -11.81 0.44
C LEU A 355 19.13 -12.14 0.33
N ARG A 356 19.87 -11.30 -0.38
CA ARG A 356 21.31 -11.48 -0.58
C ARG A 356 22.05 -10.43 0.24
N LEU A 357 22.97 -10.88 1.09
CA LEU A 357 23.73 -10.01 1.97
C LEU A 357 25.21 -10.29 1.87
N SER A 358 26.00 -9.24 2.12
CA SER A 358 27.43 -9.41 2.34
C SER A 358 27.67 -9.96 3.74
N PRO A 359 28.67 -10.84 3.91
CA PRO A 359 28.85 -11.49 5.21
C PRO A 359 29.35 -10.57 6.31
N THR A 360 29.69 -9.31 5.99
CA THR A 360 30.12 -8.38 7.02
C THR A 360 28.98 -8.02 7.97
N LEU A 361 27.74 -8.06 7.47
CA LEU A 361 26.57 -7.71 8.29
C LEU A 361 25.54 -8.82 8.26
N HIS A 362 25.99 -10.07 8.44
CA HIS A 362 25.14 -11.24 8.33
C HIS A 362 25.03 -11.96 9.67
N SER A 363 23.97 -12.75 9.81
CA SER A 363 23.76 -13.64 10.94
C SER A 363 23.90 -12.92 12.28
N ALA A 364 23.65 -11.62 12.31
CA ALA A 364 23.62 -10.87 13.56
C ALA A 364 22.23 -10.99 14.21
N ASP A 365 21.84 -12.23 14.46
CA ASP A 365 20.51 -12.55 14.95
C ASP A 365 19.44 -11.96 14.03
N LEU A 366 19.68 -12.09 12.73
CA LEU A 366 18.76 -11.52 11.75
C LEU A 366 17.46 -12.30 11.68
N ILE A 367 17.50 -13.61 11.95
CA ILE A 367 16.32 -14.45 11.78
C ILE A 367 15.19 -13.96 12.68
N ARG A 368 15.50 -13.70 13.95
CA ARG A 368 14.48 -13.23 14.87
C ARG A 368 13.89 -11.90 14.41
N ASP A 369 14.74 -11.02 13.88
CA ASP A 369 14.27 -9.71 13.43
C ASP A 369 13.33 -9.84 12.24
N ILE A 370 13.70 -10.65 11.24
CA ILE A 370 12.81 -10.80 10.08
C ILE A 370 11.52 -11.51 10.47
N ASP A 371 11.58 -12.50 11.36
CA ASP A 371 10.35 -13.09 11.88
C ASP A 371 9.47 -12.01 12.49
N ALA A 372 9.93 -11.38 13.57
CA ALA A 372 9.14 -10.35 14.22
C ALA A 372 8.68 -9.27 13.25
N MET A 373 9.35 -9.11 12.10
CA MET A 373 8.88 -8.15 11.11
C MET A 373 7.68 -8.70 10.35
N ARG A 374 7.74 -9.94 9.88
CA ARG A 374 6.62 -10.45 9.09
C ARG A 374 5.43 -10.77 9.97
N TRP A 375 5.67 -11.23 11.20
CA TRP A 375 4.59 -11.47 12.15
C TRP A 375 3.88 -10.19 12.56
N PHE A 376 4.46 -9.03 12.27
CA PHE A 376 3.79 -7.75 12.46
C PHE A 376 3.17 -7.21 11.18
N LEU A 377 3.80 -7.46 10.03
CA LEU A 377 3.17 -7.13 8.77
C LEU A 377 1.85 -7.87 8.60
N PHE A 378 1.81 -9.14 9.01
CA PHE A 378 0.58 -9.91 8.89
C PHE A 378 -0.56 -9.24 9.63
N GLU A 379 -0.34 -8.90 10.90
CA GLU A 379 -1.41 -8.31 11.71
C GLU A 379 -1.61 -6.83 11.44
N ASP A 380 -0.73 -6.21 10.65
CA ASP A 380 -0.98 -4.83 10.23
C ASP A 380 -1.80 -4.77 8.96
N THR A 381 -1.57 -5.69 8.01
CA THR A 381 -2.23 -5.61 6.71
C THR A 381 -2.91 -6.90 6.26
N GLY A 382 -2.85 -7.99 7.03
CA GLY A 382 -3.63 -9.17 6.76
C GLY A 382 -2.99 -10.19 5.85
N VAL A 383 -2.31 -9.74 4.79
CA VAL A 383 -1.73 -10.65 3.80
C VAL A 383 -0.64 -11.48 4.45
N PRO A 384 -0.71 -12.81 4.41
CA PRO A 384 0.38 -13.63 4.95
C PRO A 384 1.50 -13.78 3.93
N LEU A 385 2.74 -13.68 4.41
CA LEU A 385 3.91 -13.68 3.53
C LEU A 385 4.67 -14.99 3.66
N PRO A 386 5.49 -15.33 2.67
CA PRO A 386 6.29 -16.56 2.74
C PRO A 386 7.64 -16.34 3.41
N GLU A 387 8.28 -17.45 3.73
CA GLU A 387 9.57 -17.38 4.42
C GLU A 387 10.57 -16.63 3.57
N VAL A 388 11.63 -16.15 4.21
CA VAL A 388 12.64 -15.34 3.54
C VAL A 388 13.98 -16.06 3.57
N ASN A 389 14.32 -16.72 2.46
CA ASN A 389 15.63 -17.33 2.33
C ASN A 389 16.70 -16.26 2.22
N ILE A 390 17.83 -16.47 2.89
CA ILE A 390 18.92 -15.50 2.96
C ILE A 390 20.13 -16.10 2.27
N GLU A 391 20.73 -15.32 1.37
CA GLU A 391 21.89 -15.73 0.60
C GLU A 391 23.09 -14.90 1.00
N VAL A 392 24.26 -15.55 1.02
CA VAL A 392 25.52 -14.92 1.42
C VAL A 392 26.37 -14.71 0.17
N LEU A 393 26.77 -13.47 -0.08
CA LEU A 393 27.57 -13.12 -1.23
C LEU A 393 29.04 -13.14 -0.87
N PRO A 394 29.88 -13.95 -1.51
CA PRO A 394 31.32 -13.76 -1.30
C PRO A 394 31.80 -12.49 -2.01
N GLU A 395 31.43 -11.35 -1.42
CA GLU A 395 31.63 -10.05 -2.05
C GLU A 395 32.25 -9.08 -1.06
N PRO A 396 33.10 -8.17 -1.53
CA PRO A 396 33.63 -7.11 -0.66
C PRO A 396 32.86 -5.80 -0.70
N THR A 397 31.80 -5.69 -1.49
CA THR A 397 31.15 -4.40 -1.73
C THR A 397 30.12 -4.04 -0.67
N GLU A 398 29.99 -4.85 0.40
CA GLU A 398 29.04 -4.57 1.49
C GLU A 398 27.69 -4.14 0.93
N LYS A 399 27.14 -4.95 0.05
CA LYS A 399 25.90 -4.66 -0.65
C LYS A 399 24.81 -5.65 -0.23
N LEU A 400 23.55 -5.25 -0.43
CA LEU A 400 22.42 -6.13 -0.19
C LEU A 400 21.48 -6.03 -1.38
N THR A 401 20.87 -7.17 -1.72
CA THR A 401 19.88 -7.22 -2.78
C THR A 401 18.71 -8.06 -2.31
N VAL A 402 17.50 -7.61 -2.64
CA VAL A 402 16.27 -8.32 -2.30
C VAL A 402 15.64 -8.75 -3.60
N LEU A 403 15.61 -10.06 -3.85
CA LEU A 403 15.15 -10.62 -5.11
C LEU A 403 13.72 -11.14 -4.93
N LEU A 404 12.82 -10.67 -5.79
CA LEU A 404 11.39 -10.94 -5.68
C LEU A 404 10.99 -11.83 -6.85
N TYR A 405 10.67 -13.09 -6.56
CA TYR A 405 10.41 -14.09 -7.60
C TYR A 405 11.59 -14.17 -8.56
N GLN A 406 12.78 -14.31 -7.98
CA GLN A 406 14.04 -14.39 -8.74
C GLN A 406 14.11 -13.29 -9.80
N GLU A 407 13.95 -12.05 -9.33
CA GLU A 407 14.08 -10.87 -10.17
C GLU A 407 14.27 -9.66 -9.26
N PRO A 408 15.29 -8.82 -9.48
CA PRO A 408 15.63 -7.81 -8.48
C PRO A 408 14.90 -6.49 -8.66
N VAL A 409 14.47 -5.93 -7.53
CA VAL A 409 13.86 -4.60 -7.50
C VAL A 409 14.49 -3.68 -6.48
N PHE A 410 15.34 -4.17 -5.58
CA PHE A 410 15.98 -3.34 -4.56
C PHE A 410 17.42 -3.81 -4.38
N SER A 411 18.36 -2.87 -4.54
CA SER A 411 19.77 -3.15 -4.33
C SER A 411 20.43 -1.87 -3.86
N LEU A 412 21.15 -1.93 -2.75
CA LEU A 412 21.72 -0.74 -2.12
C LEU A 412 23.12 -1.03 -1.63
N SER A 413 23.93 0.02 -1.55
CA SER A 413 25.28 -0.05 -1.01
C SER A 413 25.32 0.80 0.27
N ILE A 414 25.76 0.20 1.36
CA ILE A 414 25.77 0.85 2.67
C ILE A 414 27.19 1.34 2.92
N PRO A 415 27.41 2.66 3.06
CA PRO A 415 28.77 3.14 3.30
C PRO A 415 29.30 2.65 4.64
N ALA A 416 30.64 2.60 4.73
CA ALA A 416 31.28 2.05 5.92
C ALA A 416 30.90 2.82 7.17
N GLN A 417 30.89 4.16 7.09
CA GLN A 417 30.53 4.98 8.23
C GLN A 417 29.07 4.83 8.63
N ALA A 418 28.24 4.21 7.78
CA ALA A 418 26.81 4.13 8.05
C ALA A 418 26.53 3.40 9.37
N ASP A 419 25.60 3.95 10.14
CA ASP A 419 25.06 3.31 11.33
C ASP A 419 23.98 4.22 11.88
N TYR A 420 23.14 3.66 12.75
CA TYR A 420 21.99 4.39 13.30
C TYR A 420 21.10 4.96 12.19
N LEU A 421 20.52 4.02 11.44
CA LEU A 421 19.70 4.36 10.27
C LEU A 421 18.41 5.02 10.72
N LEU A 422 18.11 6.18 10.15
CA LEU A 422 16.81 6.81 10.27
C LEU A 422 16.16 6.90 8.89
N ILE A 423 14.83 6.83 8.87
CA ILE A 423 14.08 6.64 7.63
C ILE A 423 13.09 7.79 7.45
N GLY A 424 13.46 8.76 6.60
CA GLY A 424 12.51 9.75 6.12
C GLY A 424 11.78 10.52 7.18
N ALA A 425 12.43 10.83 8.30
CA ALA A 425 11.82 11.58 9.38
C ALA A 425 12.09 13.07 9.15
N ASP A 426 11.80 13.89 10.18
CA ASP A 426 11.96 15.33 10.06
C ASP A 426 13.43 15.69 9.86
N ALA A 427 13.65 16.89 9.34
CA ALA A 427 14.99 17.39 9.06
C ALA A 427 15.65 18.04 10.28
N SER A 428 15.20 17.68 11.48
CA SER A 428 15.79 18.29 12.67
C SER A 428 17.28 17.98 12.76
N VAL A 429 17.66 16.73 12.48
CA VAL A 429 19.06 16.30 12.50
C VAL A 429 19.37 15.65 11.17
N VAL A 430 20.47 16.06 10.55
CA VAL A 430 20.90 15.54 9.26
C VAL A 430 22.32 15.02 9.41
N GLY A 431 22.48 13.70 9.41
CA GLY A 431 23.79 13.11 9.40
C GLY A 431 24.26 12.78 8.00
N ASP A 432 23.41 12.07 7.25
CA ASP A 432 23.67 11.84 5.83
C ASP A 432 22.35 11.39 5.20
N SER A 433 21.81 12.22 4.31
CA SER A 433 20.54 11.94 3.67
C SER A 433 20.75 11.17 2.37
N GLN A 434 19.72 10.41 1.97
CA GLN A 434 19.80 9.58 0.78
C GLN A 434 18.41 9.33 0.25
N THR A 435 18.32 9.10 -1.06
CA THR A 435 17.07 8.83 -1.74
C THR A 435 17.07 7.41 -2.28
N LEU A 436 15.93 6.73 -2.16
CA LEU A 436 15.80 5.35 -2.57
C LEU A 436 15.18 5.25 -3.96
N PRO A 437 15.37 4.12 -4.64
CA PRO A 437 14.83 3.98 -6.00
C PRO A 437 13.31 3.96 -6.01
N ASN A 438 12.75 4.34 -7.16
CA ASN A 438 11.32 4.26 -7.44
C ASN A 438 10.49 5.05 -6.44
N GLY A 439 11.06 6.09 -5.85
CA GLY A 439 10.32 6.90 -4.90
C GLY A 439 9.81 6.12 -3.71
N MET A 440 10.61 5.17 -3.21
CA MET A 440 10.24 4.34 -2.07
C MET A 440 10.59 4.98 -0.74
N GLY A 441 10.75 6.29 -0.70
CA GLY A 441 11.09 7.00 0.52
C GLY A 441 12.55 7.39 0.57
N GLN A 442 12.87 8.20 1.57
CA GLN A 442 14.22 8.70 1.79
C GLN A 442 14.70 8.26 3.18
N ILE A 443 16.00 7.97 3.26
CA ILE A 443 16.60 7.55 4.52
C ILE A 443 17.59 8.60 4.99
N CYS A 444 18.14 8.40 6.18
CA CYS A 444 19.19 9.29 6.69
C CYS A 444 20.01 8.52 7.71
N TRP A 445 21.34 8.62 7.59
CA TRP A 445 22.24 7.97 8.53
C TRP A 445 22.68 9.00 9.58
N LEU A 446 22.69 8.58 10.83
CA LEU A 446 22.83 9.50 11.96
C LEU A 446 24.02 9.13 12.82
N THR A 447 24.54 10.14 13.52
CA THR A 447 25.57 9.96 14.53
C THR A 447 24.92 9.74 15.89
N LYS A 448 25.67 9.08 16.79
CA LYS A 448 25.10 8.66 18.06
C LYS A 448 24.46 9.84 18.80
N ASP A 449 25.18 10.95 18.90
CA ASP A 449 24.61 12.13 19.55
C ASP A 449 23.39 12.64 18.78
N MET A 450 23.49 12.71 17.46
CA MET A 450 22.33 13.09 16.66
C MET A 450 21.22 12.07 16.80
N ALA A 451 21.55 10.79 16.96
CA ALA A 451 20.53 9.77 17.17
C ALA A 451 19.77 10.01 18.47
N HIS A 452 20.49 10.33 19.55
CA HIS A 452 19.82 10.63 20.82
C HIS A 452 18.97 11.89 20.68
N LYS A 453 19.49 12.90 19.97
CA LYS A 453 18.71 14.12 19.76
C LYS A 453 17.42 13.81 19.01
N ALA A 454 17.49 12.98 17.98
CA ALA A 454 16.30 12.58 17.25
C ALA A 454 15.32 11.83 18.15
N GLN A 455 15.84 10.88 18.95
CA GLN A 455 14.99 10.16 19.87
C GLN A 455 14.29 11.11 20.83
N GLY A 456 14.95 12.21 21.18
CA GLY A 456 14.31 13.17 22.07
C GLY A 456 13.03 13.73 21.50
N PHE A 457 12.98 13.91 20.18
CA PHE A 457 11.80 14.46 19.51
C PHE A 457 10.68 13.44 19.35
N GLY A 458 10.79 12.26 19.98
CA GLY A 458 9.75 11.26 19.93
C GLY A 458 9.78 10.37 18.72
N LEU A 459 10.76 10.53 17.82
CA LEU A 459 10.86 9.69 16.65
C LEU A 459 11.48 8.34 17.03
N ASP A 460 11.70 7.50 16.02
CA ASP A 460 12.34 6.20 16.20
C ASP A 460 13.53 6.10 15.27
N VAL A 461 14.54 5.37 15.71
CA VAL A 461 15.78 5.20 14.96
C VAL A 461 16.29 3.78 15.18
N PHE A 462 16.83 3.17 14.13
CA PHE A 462 17.26 1.79 14.14
C PHE A 462 18.78 1.71 14.02
N ALA A 463 19.37 0.74 14.71
CA ALA A 463 20.80 0.51 14.64
C ALA A 463 21.07 -0.97 14.89
N GLY A 464 22.16 -1.46 14.32
CA GLY A 464 22.51 -2.86 14.45
C GLY A 464 21.97 -3.68 13.30
N SER A 465 21.30 -4.79 13.62
CA SER A 465 20.64 -5.59 12.60
C SER A 465 19.27 -5.03 12.24
N GLN A 466 18.58 -4.42 13.18
CA GLN A 466 17.20 -4.00 12.96
C GLN A 466 17.06 -2.99 11.83
N ARG A 467 18.15 -2.33 11.44
CA ARG A 467 18.09 -1.47 10.26
C ARG A 467 17.76 -2.29 9.01
N ILE A 468 18.32 -3.50 8.91
CA ILE A 468 18.00 -4.36 7.78
C ILE A 468 16.51 -4.68 7.75
N SER A 469 15.93 -5.01 8.90
CA SER A 469 14.51 -5.31 8.96
C SER A 469 13.69 -4.08 8.59
N ALA A 470 14.04 -2.92 9.13
CA ALA A 470 13.28 -1.71 8.86
C ALA A 470 13.41 -1.25 7.43
N LEU A 471 14.44 -1.71 6.72
CA LEU A 471 14.57 -1.41 5.29
C LEU A 471 13.82 -2.42 4.43
N LEU A 472 13.95 -3.71 4.77
CA LEU A 472 13.19 -4.74 4.06
C LEU A 472 11.70 -4.47 4.14
N LYS A 473 11.20 -4.19 5.34
CA LYS A 473 9.78 -3.86 5.50
C LYS A 473 9.39 -2.72 4.58
N CYS A 474 10.16 -1.63 4.59
CA CYS A 474 9.86 -0.52 3.70
C CYS A 474 9.82 -0.97 2.24
N VAL A 475 10.65 -1.95 1.88
CA VAL A 475 10.59 -2.48 0.52
C VAL A 475 9.27 -3.19 0.27
N LEU A 476 8.87 -4.07 1.18
CA LEU A 476 7.70 -4.91 0.95
C LEU A 476 6.41 -4.12 0.81
N LEU A 477 6.13 -3.19 1.73
CA LEU A 477 4.86 -2.47 1.69
C LEU A 477 4.56 -1.93 0.30
N ARG A 478 5.60 -1.65 -0.49
CA ARG A 478 5.39 -1.13 -1.82
C ARG A 478 4.94 -2.22 -2.78
N HIS A 479 5.17 -3.48 -2.43
CA HIS A 479 4.86 -4.61 -3.32
C HIS A 479 3.98 -5.64 -2.62
N MET A 480 2.93 -5.20 -1.95
CA MET A 480 2.05 -6.14 -1.26
C MET A 480 1.06 -6.78 -2.22
N GLY A 481 0.73 -6.12 -3.33
CA GLY A 481 -0.20 -6.69 -4.28
C GLY A 481 0.32 -7.90 -5.04
N GLU A 482 1.60 -8.23 -4.87
CA GLU A 482 2.17 -9.37 -5.57
C GLU A 482 1.77 -10.69 -4.92
N PHE A 483 1.60 -10.72 -3.60
CA PHE A 483 1.41 -11.96 -2.87
C PHE A 483 -0.06 -12.30 -2.66
N ILE A 484 -0.94 -11.88 -3.56
CA ILE A 484 -2.37 -12.21 -3.48
C ILE A 484 -2.83 -12.68 -4.85
N GLY A 485 -3.08 -13.98 -4.98
CA GLY A 485 -3.57 -14.54 -6.21
C GLY A 485 -4.63 -15.59 -5.96
N VAL A 486 -4.93 -16.41 -6.97
CA VAL A 486 -5.95 -17.44 -6.82
C VAL A 486 -5.52 -18.54 -5.85
N GLN A 487 -4.23 -18.61 -5.52
CA GLN A 487 -3.73 -19.70 -4.69
C GLN A 487 -3.58 -19.32 -3.23
N GLU A 488 -3.60 -18.02 -2.90
CA GLU A 488 -3.58 -17.59 -1.51
C GLU A 488 -4.97 -17.31 -0.97
N THR A 489 -5.87 -16.81 -1.81
CA THR A 489 -7.27 -16.72 -1.43
C THR A 489 -7.80 -18.08 -0.99
N ARG A 490 -7.34 -19.15 -1.65
CA ARG A 490 -7.75 -20.49 -1.26
C ARG A 490 -7.20 -20.83 0.13
N TYR A 491 -5.97 -20.40 0.42
CA TYR A 491 -5.44 -20.65 1.75
C TYR A 491 -6.25 -19.93 2.81
N LEU A 492 -6.65 -18.68 2.55
CA LEU A 492 -7.48 -17.96 3.50
C LEU A 492 -8.82 -18.65 3.69
N MET A 493 -9.47 -19.05 2.59
CA MET A 493 -10.79 -19.67 2.69
C MET A 493 -10.72 -21.06 3.29
N ASN A 494 -9.55 -21.69 3.29
CA ASN A 494 -9.40 -22.96 3.99
C ASN A 494 -9.07 -22.77 5.46
N ALA A 495 -8.37 -21.68 5.80
CA ALA A 495 -8.16 -21.38 7.21
C ALA A 495 -9.46 -21.00 7.89
N MET A 496 -10.33 -20.27 7.20
CA MET A 496 -11.59 -19.85 7.79
C MET A 496 -12.50 -21.02 8.16
N GLU A 497 -12.50 -22.09 7.37
CA GLU A 497 -13.50 -23.14 7.55
C GLU A 497 -13.41 -23.79 8.93
N LYS A 498 -12.38 -23.44 9.72
CA LYS A 498 -12.31 -23.97 11.07
C LYS A 498 -13.48 -23.48 11.92
N ASN A 499 -13.85 -22.21 11.77
CA ASN A 499 -14.90 -21.60 12.59
C ASN A 499 -16.02 -20.96 11.79
N TYR A 500 -15.88 -20.83 10.48
CA TYR A 500 -16.86 -20.13 9.65
C TYR A 500 -17.20 -21.00 8.44
N SER A 501 -17.39 -22.30 8.66
CA SER A 501 -17.65 -23.20 7.54
C SER A 501 -18.91 -22.80 6.79
N GLU A 502 -19.98 -22.47 7.50
CA GLU A 502 -21.25 -22.16 6.87
C GLU A 502 -21.25 -20.80 6.19
N LEU A 503 -20.22 -19.99 6.40
CA LEU A 503 -20.12 -18.70 5.74
C LEU A 503 -19.37 -18.80 4.42
N VAL A 504 -18.23 -19.48 4.42
CA VAL A 504 -17.48 -19.68 3.18
C VAL A 504 -18.22 -20.64 2.27
N LYS A 505 -18.83 -21.68 2.83
CA LYS A 505 -19.58 -22.63 2.01
C LYS A 505 -20.78 -21.98 1.33
N GLU A 506 -21.23 -20.84 1.84
CA GLU A 506 -22.32 -20.09 1.21
C GLU A 506 -21.81 -18.98 0.31
N LEU A 507 -20.61 -18.46 0.58
CA LEU A 507 -20.00 -17.51 -0.34
C LEU A 507 -19.56 -18.18 -1.64
N GLN A 508 -19.12 -19.44 -1.56
CA GLN A 508 -18.59 -20.09 -2.75
C GLN A 508 -19.64 -20.22 -3.85
N ARG A 509 -20.89 -20.52 -3.48
CA ARG A 509 -21.94 -20.77 -4.45
C ARG A 509 -22.59 -19.47 -4.94
N GLN A 510 -21.94 -18.33 -4.74
CA GLN A 510 -22.36 -17.06 -5.29
C GLN A 510 -21.36 -16.47 -6.27
N LEU A 511 -20.06 -16.66 -6.01
CA LEU A 511 -19.00 -16.13 -6.86
C LEU A 511 -17.95 -17.21 -7.11
N PRO A 512 -17.33 -17.21 -8.29
CA PRO A 512 -16.17 -18.07 -8.51
C PRO A 512 -14.90 -17.45 -7.93
N ILE A 513 -13.95 -18.33 -7.57
CA ILE A 513 -12.78 -17.90 -6.81
C ILE A 513 -11.98 -16.86 -7.57
N ASN A 514 -12.04 -16.88 -8.90
CA ASN A 514 -11.28 -15.95 -9.71
C ASN A 514 -11.90 -14.56 -9.74
N LYS A 515 -12.88 -14.30 -8.88
CA LYS A 515 -13.41 -12.96 -8.63
C LYS A 515 -13.19 -12.52 -7.20
N ILE A 516 -13.29 -13.46 -6.25
CA ILE A 516 -12.86 -13.17 -4.89
C ILE A 516 -11.39 -12.74 -4.89
N ALA A 517 -10.56 -13.44 -5.66
CA ALA A 517 -9.15 -13.07 -5.72
C ALA A 517 -8.96 -11.67 -6.28
N GLU A 518 -9.71 -11.34 -7.34
CA GLU A 518 -9.59 -10.01 -7.92
C GLU A 518 -10.01 -8.94 -6.92
N THR A 519 -11.09 -9.18 -6.17
CA THR A 519 -11.53 -8.21 -5.19
C THR A 519 -10.47 -8.00 -4.11
N LEU A 520 -9.90 -9.10 -3.60
CA LEU A 520 -8.86 -8.96 -2.59
C LEU A 520 -7.66 -8.21 -3.14
N GLN A 521 -7.30 -8.46 -4.39
CA GLN A 521 -6.21 -7.71 -5.02
C GLN A 521 -6.51 -6.22 -5.05
N ARG A 522 -7.68 -5.86 -5.58
CA ARG A 522 -8.04 -4.45 -5.65
C ARG A 522 -8.06 -3.80 -4.27
N LEU A 523 -8.36 -4.58 -3.23
CA LEU A 523 -8.38 -4.00 -1.89
C LEU A 523 -6.96 -3.79 -1.36
N VAL A 524 -6.18 -4.86 -1.24
CA VAL A 524 -4.86 -4.73 -0.65
C VAL A 524 -3.94 -3.85 -1.48
N SER A 525 -4.28 -3.60 -2.75
CA SER A 525 -3.48 -2.72 -3.58
C SER A 525 -3.46 -1.29 -3.03
N GLU A 526 -4.60 -0.78 -2.57
CA GLU A 526 -4.71 0.57 -2.07
C GLU A 526 -4.44 0.67 -0.58
N ARG A 527 -3.66 -0.25 -0.02
CA ARG A 527 -3.29 -0.22 1.39
C ARG A 527 -4.52 -0.19 2.29
N VAL A 528 -5.51 -1.02 1.98
CA VAL A 528 -6.66 -1.24 2.85
C VAL A 528 -6.50 -2.60 3.50
N SER A 529 -6.52 -2.63 4.83
CA SER A 529 -6.33 -3.88 5.55
C SER A 529 -7.47 -4.85 5.26
N ILE A 530 -7.14 -6.12 5.17
CA ILE A 530 -8.14 -7.17 4.94
C ILE A 530 -8.07 -8.20 6.04
N ARG A 531 -7.70 -7.77 7.26
CA ARG A 531 -7.67 -8.70 8.37
C ARG A 531 -9.07 -9.09 8.84
N ASP A 532 -10.08 -8.29 8.52
CA ASP A 532 -11.46 -8.57 8.91
C ASP A 532 -12.12 -9.27 7.73
N LEU A 533 -11.97 -10.59 7.66
CA LEU A 533 -12.53 -11.35 6.55
C LEU A 533 -14.02 -11.61 6.74
N ARG A 534 -14.47 -11.72 7.98
CA ARG A 534 -15.89 -11.91 8.25
C ARG A 534 -16.73 -10.84 7.59
N LEU A 535 -16.37 -9.57 7.81
CA LEU A 535 -17.17 -8.46 7.29
C LEU A 535 -17.12 -8.42 5.77
N ILE A 536 -15.94 -8.67 5.18
CA ILE A 536 -15.82 -8.63 3.73
C ILE A 536 -16.65 -9.73 3.10
N PHE A 537 -16.57 -10.95 3.63
CA PHE A 537 -17.37 -12.05 3.09
C PHE A 537 -18.85 -11.77 3.23
N GLY A 538 -19.27 -11.22 4.38
CA GLY A 538 -20.67 -10.89 4.55
C GLY A 538 -21.14 -9.86 3.53
N THR A 539 -20.37 -8.80 3.36
CA THR A 539 -20.75 -7.75 2.41
C THR A 539 -20.75 -8.27 0.99
N LEU A 540 -19.90 -9.26 0.69
CA LEU A 540 -19.89 -9.83 -0.66
C LEU A 540 -21.10 -10.73 -0.88
N ILE A 541 -21.51 -11.46 0.15
CA ILE A 541 -22.72 -12.27 0.03
C ILE A 541 -23.94 -11.39 -0.13
N ASP A 542 -23.96 -10.23 0.53
CA ASP A 542 -25.14 -9.37 0.47
C ASP A 542 -25.40 -8.87 -0.94
N TRP A 543 -24.37 -8.38 -1.62
CA TRP A 543 -24.54 -7.70 -2.90
C TRP A 543 -24.26 -8.59 -4.12
N ALA A 544 -23.85 -9.84 -3.92
CA ALA A 544 -23.45 -10.65 -5.06
C ALA A 544 -24.56 -10.84 -6.08
N PRO A 545 -25.78 -11.26 -5.71
CA PRO A 545 -26.79 -11.50 -6.74
C PRO A 545 -27.26 -10.25 -7.46
N ARG A 546 -27.06 -9.07 -6.90
CA ARG A 546 -27.51 -7.82 -7.51
C ARG A 546 -26.49 -7.19 -8.44
N GLU A 547 -25.31 -7.80 -8.59
CA GLU A 547 -24.23 -7.16 -9.33
C GLU A 547 -23.21 -8.22 -9.73
N LYS A 548 -22.70 -8.10 -10.95
CA LYS A 548 -21.71 -9.04 -11.48
C LYS A 548 -20.36 -8.38 -11.77
N ASP A 549 -20.18 -7.12 -11.38
CA ASP A 549 -18.96 -6.38 -11.66
C ASP A 549 -18.08 -6.35 -10.42
N VAL A 550 -16.88 -6.93 -10.53
CA VAL A 550 -15.95 -6.90 -9.41
C VAL A 550 -15.54 -5.47 -9.09
N LEU A 551 -15.43 -4.64 -10.13
CA LEU A 551 -15.05 -3.24 -9.91
C LEU A 551 -16.07 -2.49 -9.08
N MET A 552 -17.31 -2.96 -9.03
CA MET A 552 -18.34 -2.36 -8.19
C MET A 552 -18.46 -3.05 -6.84
N LEU A 553 -18.34 -4.39 -6.82
CA LEU A 553 -18.28 -5.10 -5.55
C LEU A 553 -17.17 -4.55 -4.68
N THR A 554 -16.04 -4.18 -5.28
CA THR A 554 -14.95 -3.61 -4.51
C THR A 554 -15.35 -2.29 -3.86
N GLU A 555 -16.07 -1.44 -4.61
CA GLU A 555 -16.53 -0.18 -4.03
C GLU A 555 -17.47 -0.43 -2.86
N TYR A 556 -18.42 -1.36 -3.03
CA TYR A 556 -19.36 -1.64 -1.95
C TYR A 556 -18.63 -2.17 -0.71
N VAL A 557 -17.67 -3.07 -0.91
CA VAL A 557 -16.88 -3.56 0.23
C VAL A 557 -16.05 -2.43 0.83
N ARG A 558 -15.68 -1.46 0.02
CA ARG A 558 -14.84 -0.35 0.47
C ARG A 558 -15.63 0.62 1.34
N ILE A 559 -16.91 0.81 1.04
CA ILE A 559 -17.71 1.73 1.84
C ILE A 559 -17.89 1.22 3.27
N ALA A 560 -17.99 -0.10 3.43
CA ALA A 560 -18.36 -0.70 4.71
C ALA A 560 -17.24 -0.71 5.74
N LEU A 561 -16.03 -0.32 5.37
CA LEU A 561 -14.88 -0.35 6.28
C LEU A 561 -14.45 1.06 6.68
N ARG A 562 -15.42 1.93 6.94
CA ARG A 562 -15.11 3.32 7.27
C ARG A 562 -14.25 3.42 8.52
N ARG A 563 -14.61 2.68 9.57
CA ARG A 563 -13.79 2.71 10.79
C ARG A 563 -12.38 2.23 10.49
N HIS A 564 -12.26 1.07 9.87
CA HIS A 564 -10.95 0.46 9.64
C HIS A 564 -10.11 1.27 8.66
N ILE A 565 -10.71 2.19 7.92
CA ILE A 565 -9.96 3.05 7.02
C ILE A 565 -9.53 4.31 7.76
N LEU A 566 -10.51 5.06 8.27
CA LEU A 566 -10.22 6.35 8.91
C LEU A 566 -9.37 6.21 10.17
N ARG A 567 -9.56 5.16 10.97
CA ARG A 567 -8.75 5.01 12.17
C ARG A 567 -7.26 5.03 11.85
N ARG A 568 -6.89 4.58 10.66
CA ARG A 568 -5.47 4.52 10.30
C ARG A 568 -4.98 5.85 9.74
N LEU A 569 -5.75 6.50 8.88
CA LEU A 569 -5.34 7.78 8.33
C LEU A 569 -5.25 8.85 9.42
N ASN A 570 -6.21 8.89 10.34
CA ASN A 570 -6.42 10.02 11.24
C ASN A 570 -6.49 9.54 12.68
N PRO A 571 -5.37 9.07 13.25
CA PRO A 571 -5.38 8.73 14.68
C PRO A 571 -5.76 9.94 15.52
N GLU A 572 -6.25 9.66 16.73
CA GLU A 572 -6.70 10.64 17.71
C GLU A 572 -7.62 11.70 17.12
N GLY A 573 -8.32 11.38 16.03
CA GLY A 573 -9.42 12.21 15.56
C GLY A 573 -9.10 13.66 15.27
N LYS A 574 -8.01 13.91 14.56
CA LYS A 574 -7.67 15.28 14.18
C LYS A 574 -8.45 15.69 12.92
N PRO A 575 -8.61 16.99 12.70
CA PRO A 575 -9.28 17.44 11.47
C PRO A 575 -8.47 17.07 10.23
N LEU A 576 -9.18 16.88 9.12
CA LEU A 576 -8.58 16.35 7.90
C LEU A 576 -8.11 17.49 7.01
N PRO A 577 -6.81 17.57 6.68
CA PRO A 577 -6.38 18.54 5.64
C PRO A 577 -6.77 18.07 4.24
N ILE A 578 -8.05 18.21 3.94
CA ILE A 578 -8.62 17.64 2.71
C ILE A 578 -8.34 18.53 1.51
N LEU A 579 -8.61 18.00 0.32
CA LEU A 579 -8.66 18.75 -0.92
C LEU A 579 -10.03 18.48 -1.54
N ARG A 580 -10.24 18.96 -2.76
CA ARG A 580 -11.49 18.73 -3.47
C ARG A 580 -11.23 18.76 -4.97
N ILE A 581 -12.14 18.15 -5.74
CA ILE A 581 -12.02 18.15 -7.18
C ILE A 581 -13.03 19.14 -7.78
N GLY A 582 -12.76 19.55 -9.02
CA GLY A 582 -13.60 20.53 -9.68
C GLY A 582 -14.79 19.87 -10.37
N GLU A 583 -15.93 20.57 -10.31
CA GLU A 583 -17.15 20.05 -10.91
C GLU A 583 -16.95 19.78 -12.40
N GLY A 584 -16.14 20.60 -13.07
CA GLY A 584 -15.89 20.37 -14.48
C GLY A 584 -15.21 19.04 -14.73
N ILE A 585 -14.17 18.73 -13.94
CA ILE A 585 -13.49 17.45 -14.08
C ILE A 585 -14.44 16.32 -13.72
N GLU A 586 -15.23 16.48 -12.66
CA GLU A 586 -16.19 15.46 -12.29
C GLU A 586 -17.12 15.14 -13.47
N ASN A 587 -17.70 16.17 -14.07
CA ASN A 587 -18.63 15.96 -15.17
C ASN A 587 -17.92 15.36 -16.38
N LEU A 588 -16.72 15.84 -16.70
CA LEU A 588 -15.98 15.30 -17.82
C LEU A 588 -15.77 13.80 -17.65
N VAL A 589 -15.27 13.39 -16.49
CA VAL A 589 -15.09 11.96 -16.23
C VAL A 589 -16.43 11.25 -16.28
N ARG A 590 -17.49 11.92 -15.81
CA ARG A 590 -18.80 11.28 -15.77
C ARG A 590 -19.27 10.88 -17.16
N GLU A 591 -19.15 11.79 -18.14
CA GLU A 591 -19.57 11.40 -19.49
C GLU A 591 -18.54 10.48 -20.13
N SER A 592 -17.26 10.61 -19.76
CA SER A 592 -16.24 9.76 -20.37
C SER A 592 -16.42 8.30 -19.97
N ILE A 593 -16.89 8.05 -18.74
CA ILE A 593 -17.02 6.69 -18.25
C ILE A 593 -17.98 5.89 -19.13
N ARG A 594 -19.15 6.46 -19.41
CA ARG A 594 -20.18 5.75 -20.16
C ARG A 594 -19.82 5.56 -21.63
N GLN A 595 -18.74 6.18 -22.11
CA GLN A 595 -18.34 6.02 -23.50
C GLN A 595 -18.31 4.55 -23.92
N THR A 596 -18.09 3.64 -22.97
CA THR A 596 -18.26 2.21 -23.19
C THR A 596 -19.16 1.65 -22.10
N ALA A 597 -20.02 0.70 -22.48
CA ALA A 597 -21.01 0.15 -21.57
C ALA A 597 -20.70 -1.25 -21.10
N MET A 598 -20.11 -2.10 -21.95
CA MET A 598 -19.79 -3.47 -21.57
C MET A 598 -18.49 -3.53 -20.76
N GLY A 599 -17.38 -3.08 -21.36
CA GLY A 599 -16.12 -3.10 -20.65
C GLY A 599 -16.13 -2.24 -19.40
N THR A 600 -17.00 -1.21 -19.39
CA THR A 600 -17.13 -0.31 -18.25
C THR A 600 -15.84 0.49 -18.02
N TYR A 601 -15.26 1.00 -19.11
CA TYR A 601 -14.08 1.85 -19.03
C TYR A 601 -14.40 3.20 -19.68
N THR A 602 -13.44 4.11 -19.60
CA THR A 602 -13.63 5.49 -20.02
C THR A 602 -12.72 5.80 -21.20
N ALA A 603 -13.29 6.45 -22.22
CA ALA A 603 -12.49 6.95 -23.33
C ALA A 603 -11.66 8.14 -22.85
N LEU A 604 -10.38 8.13 -23.16
CA LEU A 604 -9.44 9.09 -22.61
C LEU A 604 -9.06 10.13 -23.65
N SER A 605 -9.19 11.40 -23.27
CA SER A 605 -8.64 12.52 -24.03
C SER A 605 -7.33 12.93 -23.37
N SER A 606 -6.20 12.54 -23.97
CA SER A 606 -4.91 12.87 -23.39
C SER A 606 -4.79 14.37 -23.14
N ARG A 607 -5.40 15.18 -24.00
CA ARG A 607 -5.43 16.63 -23.86
C ARG A 607 -6.29 17.07 -22.68
N HIS A 608 -6.78 16.13 -21.89
CA HIS A 608 -7.34 16.40 -20.57
C HIS A 608 -6.61 15.63 -19.48
N LYS A 609 -6.25 14.38 -19.76
CA LYS A 609 -5.51 13.57 -18.79
C LYS A 609 -4.24 14.28 -18.34
N THR A 610 -3.44 14.76 -19.30
CA THR A 610 -2.16 15.35 -18.95
C THR A 610 -2.35 16.59 -18.07
N GLN A 611 -3.28 17.46 -18.45
CA GLN A 611 -3.52 18.66 -17.67
C GLN A 611 -4.00 18.33 -16.27
N ILE A 612 -4.91 17.37 -16.15
CA ILE A 612 -5.37 16.97 -14.81
C ILE A 612 -4.19 16.48 -13.98
N LEU A 613 -3.34 15.63 -14.57
CA LEU A 613 -2.20 15.10 -13.84
C LEU A 613 -1.27 16.21 -13.36
N GLN A 614 -0.87 17.10 -14.28
CA GLN A 614 0.07 18.16 -13.90
C GLN A 614 -0.55 19.10 -12.88
N LEU A 615 -1.81 19.48 -13.07
CA LEU A 615 -2.45 20.40 -12.13
C LEU A 615 -2.53 19.78 -10.75
N ILE A 616 -2.92 18.51 -10.65
CA ILE A 616 -2.97 17.84 -9.35
C ILE A 616 -1.58 17.81 -8.73
N GLU A 617 -0.58 17.37 -9.49
CA GLU A 617 0.76 17.24 -8.94
C GLU A 617 1.25 18.59 -8.42
N GLN A 618 1.05 19.65 -9.18
CA GLN A 618 1.44 20.98 -8.72
C GLN A 618 0.69 21.37 -7.45
N ALA A 619 -0.61 21.07 -7.39
CA ALA A 619 -1.38 21.41 -6.20
C ALA A 619 -0.83 20.71 -4.96
N LEU A 620 -0.49 19.42 -5.09
CA LEU A 620 0.06 18.70 -3.93
C LEU A 620 1.38 19.30 -3.46
N LYS A 621 2.14 19.92 -4.36
CA LYS A 621 3.39 20.55 -3.95
C LYS A 621 3.17 21.65 -2.93
N GLN A 622 1.94 22.16 -2.82
CA GLN A 622 1.58 23.09 -1.75
C GLN A 622 1.61 22.44 -0.36
N SER A 623 1.92 21.14 -0.28
CA SER A 623 2.02 20.40 0.97
C SER A 623 0.67 19.98 1.54
N ALA A 624 -0.39 19.99 0.72
CA ALA A 624 -1.65 19.37 1.10
C ALA A 624 -1.47 17.86 1.00
N LYS A 625 -1.10 17.23 2.11
CA LYS A 625 -0.46 15.92 2.05
C LYS A 625 -1.32 14.89 1.32
N LEU A 626 -2.57 14.72 1.74
CA LEU A 626 -3.35 13.58 1.29
C LEU A 626 -4.83 13.94 1.34
N PHE A 627 -5.69 12.93 1.29
CA PHE A 627 -7.12 13.06 1.54
C PHE A 627 -7.87 13.75 0.40
N ILE A 628 -7.42 13.55 -0.84
CA ILE A 628 -8.18 14.03 -1.98
C ILE A 628 -9.57 13.42 -1.93
N VAL A 629 -10.59 14.27 -2.05
CA VAL A 629 -11.99 13.83 -2.04
C VAL A 629 -12.54 13.92 -3.45
N THR A 630 -13.59 13.16 -3.73
CA THR A 630 -14.15 13.08 -5.06
C THR A 630 -15.58 12.55 -4.97
N SER A 631 -16.27 12.52 -6.10
CA SER A 631 -17.61 11.96 -6.15
C SER A 631 -17.55 10.43 -6.09
N VAL A 632 -18.63 9.85 -5.57
CA VAL A 632 -18.65 8.41 -5.33
C VAL A 632 -18.54 7.65 -6.65
N ASP A 633 -19.23 8.13 -7.68
CA ASP A 633 -19.31 7.42 -8.95
C ASP A 633 -18.08 7.61 -9.82
N THR A 634 -17.01 8.20 -9.30
CA THR A 634 -15.81 8.45 -10.09
C THR A 634 -14.51 8.06 -9.39
N ARG A 635 -14.53 7.82 -8.08
CA ARG A 635 -13.29 7.58 -7.35
C ARG A 635 -12.46 6.47 -7.99
N ARG A 636 -13.12 5.39 -8.41
CA ARG A 636 -12.38 4.27 -8.98
C ARG A 636 -11.63 4.69 -10.24
N PHE A 637 -12.30 5.43 -11.12
CA PHE A 637 -11.64 5.90 -12.34
C PHE A 637 -10.52 6.88 -12.01
N LEU A 638 -10.75 7.78 -11.05
CA LEU A 638 -9.71 8.73 -10.67
C LEU A 638 -8.46 7.99 -10.20
N ARG A 639 -8.64 6.97 -9.35
CA ARG A 639 -7.49 6.19 -8.91
C ARG A 639 -6.87 5.42 -10.07
N LYS A 640 -7.70 4.97 -11.02
CA LYS A 640 -7.16 4.35 -12.23
C LYS A 640 -6.21 5.29 -12.93
N ILE A 641 -6.53 6.58 -12.96
CA ILE A 641 -5.68 7.55 -13.64
C ILE A 641 -4.34 7.69 -12.92
N THR A 642 -4.38 7.85 -11.59
CA THR A 642 -3.19 8.22 -10.85
C THR A 642 -2.23 7.05 -10.62
N GLU A 643 -2.76 5.82 -10.50
CA GLU A 643 -1.95 4.71 -10.02
C GLU A 643 -0.61 4.58 -10.75
N ALA A 644 -0.51 5.10 -11.97
CA ALA A 644 0.77 5.08 -12.68
C ALA A 644 1.85 5.85 -11.92
N THR A 645 1.45 6.83 -11.11
CA THR A 645 2.40 7.58 -10.29
C THR A 645 1.69 8.05 -9.03
N LEU A 646 2.38 8.86 -8.24
CA LEU A 646 1.81 9.43 -7.02
C LEU A 646 1.23 8.36 -6.09
N PHE A 647 1.67 7.11 -6.25
CA PHE A 647 1.24 6.04 -5.36
C PHE A 647 1.44 6.48 -3.91
N ASP A 648 0.60 5.92 -3.02
CA ASP A 648 0.50 6.34 -1.63
C ASP A 648 -0.25 7.66 -1.48
N VAL A 649 -1.12 7.98 -2.44
CA VAL A 649 -1.97 9.18 -2.35
C VAL A 649 -3.41 8.72 -2.17
N PRO A 650 -3.96 8.78 -0.95
CA PRO A 650 -5.34 8.35 -0.76
C PRO A 650 -6.30 9.14 -1.63
N ILE A 651 -7.35 8.46 -2.09
CA ILE A 651 -8.44 9.08 -2.83
C ILE A 651 -9.72 8.60 -2.18
N LEU A 652 -10.22 9.37 -1.23
CA LEU A 652 -11.41 9.01 -0.46
C LEU A 652 -12.66 9.48 -1.21
N SER A 653 -13.81 9.44 -0.55
CA SER A 653 -15.04 9.99 -1.10
C SER A 653 -15.95 10.34 0.07
N TRP A 654 -17.09 10.96 -0.26
CA TRP A 654 -17.97 11.47 0.78
C TRP A 654 -18.59 10.33 1.59
N GLN A 655 -18.90 9.21 0.94
CA GLN A 655 -19.49 8.08 1.66
C GLN A 655 -18.53 7.55 2.71
N GLU A 656 -17.24 7.47 2.39
CA GLU A 656 -16.24 7.08 3.37
C GLU A 656 -16.05 8.11 4.47
N LEU A 657 -16.59 9.31 4.30
CA LEU A 657 -16.45 10.39 5.27
C LEU A 657 -17.67 10.43 6.18
N GLY A 658 -17.43 10.37 7.48
CA GLY A 658 -18.52 10.39 8.43
C GLY A 658 -19.25 11.72 8.43
N GLU A 659 -20.51 11.67 8.89
CA GLU A 659 -21.33 12.87 8.90
C GLU A 659 -20.72 13.97 9.76
N GLU A 660 -19.96 13.60 10.78
CA GLU A 660 -19.39 14.56 11.73
C GLU A 660 -17.87 14.62 11.69
N SER A 661 -17.25 14.02 10.67
CA SER A 661 -15.80 14.12 10.56
C SER A 661 -15.38 15.56 10.38
N LEU A 662 -14.33 15.96 11.10
CA LEU A 662 -13.87 17.34 11.06
C LEU A 662 -13.11 17.59 9.76
N ILE A 663 -13.46 18.66 9.06
CA ILE A 663 -12.98 18.91 7.71
C ILE A 663 -12.39 20.31 7.62
N GLN A 664 -11.46 20.48 6.68
CA GLN A 664 -10.87 21.79 6.35
C GLN A 664 -10.61 21.79 4.85
N VAL A 665 -11.47 22.48 4.10
CA VAL A 665 -11.33 22.53 2.65
C VAL A 665 -10.17 23.45 2.32
N VAL A 666 -9.01 22.86 2.03
CA VAL A 666 -7.79 23.65 1.93
C VAL A 666 -7.51 24.09 0.49
N GLU A 667 -8.22 23.53 -0.49
CA GLU A 667 -7.91 23.81 -1.88
C GLU A 667 -9.07 23.35 -2.75
N SER A 668 -9.10 23.83 -3.99
CA SER A 668 -10.15 23.44 -4.94
C SER A 668 -9.59 23.51 -6.36
N ILE A 669 -10.25 22.83 -7.30
CA ILE A 669 -9.72 22.61 -8.63
C ILE A 669 -10.58 23.35 -9.64
N ASP A 670 -9.93 23.98 -10.62
CA ASP A 670 -10.60 24.85 -11.57
C ASP A 670 -10.65 24.30 -12.99
N LEU A 671 -9.75 23.39 -13.35
CA LEU A 671 -9.69 22.91 -14.72
C LEU A 671 -11.01 22.27 -15.12
N SER A 672 -11.32 22.35 -16.41
CA SER A 672 -12.55 21.78 -16.95
C SER A 672 -12.35 21.36 -18.40
#